data_1DLL
#
_entry.id   1DLL
#
_cell.length_a   67.076
_cell.length_b   70.882
_cell.length_c   122.238
_cell.angle_alpha   90.00
_cell.angle_beta   90.00
_cell.angle_gamma   90.00
#
_symmetry.space_group_name_H-M   'P 21 21 21'
#
loop_
_entity.id
_entity.type
_entity.pdbx_description
1 polymer 'TETANUS TOXIN'
2 branched beta-D-galactopyranose-(1-4)-beta-D-glucopyranose
3 non-polymer GLYCEROL
4 water water
#
_entity_poly.entity_id   1
_entity_poly.type   'polypeptide(L)'
_entity_poly.pdbx_seq_one_letter_code
;EDIDVILKKSTILNLDINNDIISDISGFNSSVITYPDAQLVPGINGKAIHLVNNESSEVIVHKAMDIEYNDMFNNFTVSF
WLRVPKVSASHLEQYGTNEYSIISSMKKHSLSIGSGWSVSLKGNNLIWTLKDSAGEVRQITFRDLPDKFNAYLANKWVFI
TITNDRLSSANLYINGVLMGSAEITGLGAIREDNNITLKLDRCNNNNQYVSIDKFRIFCKALNPKEIEKLYTSYLSITFL
RDFWGNPLRYDTEYYLIPVASSSKDVQLKNITDYMYLTNAPSYTNGKLNIYYRRLYNGLKFIIKRYTPNNEIDSFVKSGD
FIKLYVSYNNNEHIVGYPKDGNAFNNLDRILRVGYNAPGIPLYKKMEAVKLRDLKTYSVQLKLYDDKNASLGLVGTHNGQ
IGNDPNRDILIASNWYFNHLKDKILGCDWYFVPTDEGWTND
;
_entity_poly.pdbx_strand_id   A
#
# COMPACT_ATOMS: atom_id res chain seq x y z
N GLU A 1 19.10 -19.90 -13.61
CA GLU A 1 18.45 -19.43 -14.87
C GLU A 1 16.97 -19.17 -14.63
N ASP A 2 16.42 -19.77 -13.57
CA ASP A 2 15.02 -19.51 -13.22
C ASP A 2 15.03 -18.31 -12.27
N ILE A 3 14.20 -17.31 -12.50
CA ILE A 3 14.21 -16.13 -11.63
C ILE A 3 14.01 -16.46 -10.16
N ASP A 4 13.01 -17.28 -9.83
CA ASP A 4 12.77 -17.67 -8.44
C ASP A 4 14.01 -18.31 -7.81
N VAL A 5 14.72 -19.14 -8.54
CA VAL A 5 15.94 -19.76 -8.03
C VAL A 5 17.00 -18.69 -7.80
N ILE A 6 17.18 -17.78 -8.75
CA ILE A 6 18.16 -16.71 -8.61
C ILE A 6 17.83 -15.87 -7.38
N LEU A 7 16.57 -15.46 -7.27
CA LEU A 7 16.12 -14.68 -6.13
C LEU A 7 16.43 -15.38 -4.83
N LYS A 8 16.15 -16.68 -4.75
CA LYS A 8 16.42 -17.44 -3.52
C LYS A 8 17.91 -17.60 -3.28
N LYS A 9 18.63 -17.98 -4.33
CA LYS A 9 20.06 -18.21 -4.24
C LYS A 9 20.86 -16.98 -3.80
N SER A 10 20.55 -15.82 -4.34
CA SER A 10 21.27 -14.60 -4.03
C SER A 10 20.83 -13.88 -2.76
N THR A 11 19.83 -14.38 -2.05
CA THR A 11 19.40 -13.71 -0.83
C THR A 11 20.35 -14.00 0.31
N ILE A 12 20.92 -12.96 0.93
CA ILE A 12 21.83 -13.16 2.07
C ILE A 12 21.29 -12.63 3.40
N LEU A 13 20.12 -12.01 3.40
CA LEU A 13 19.46 -11.51 4.60
C LEU A 13 17.96 -11.39 4.26
N ASN A 14 17.09 -11.91 5.11
CA ASN A 14 15.65 -11.88 4.79
C ASN A 14 14.84 -11.87 6.08
N LEU A 15 14.40 -10.69 6.50
CA LEU A 15 13.66 -10.61 7.76
C LEU A 15 12.20 -11.03 7.59
N ASP A 16 11.80 -12.01 8.37
CA ASP A 16 10.42 -12.46 8.38
C ASP A 16 9.91 -12.34 9.81
N ILE A 17 8.61 -12.16 9.96
CA ILE A 17 7.98 -12.04 11.26
C ILE A 17 7.04 -13.23 11.40
N ASN A 18 7.38 -14.12 12.33
CA ASN A 18 6.58 -15.32 12.56
C ASN A 18 6.49 -15.53 14.08
N ASN A 19 5.30 -15.79 14.57
CA ASN A 19 5.05 -15.98 16.00
C ASN A 19 5.45 -14.74 16.78
N ASP A 20 5.21 -13.57 16.20
CA ASP A 20 5.50 -12.28 16.76
C ASP A 20 6.96 -12.06 17.11
N ILE A 21 7.86 -12.70 16.37
CA ILE A 21 9.30 -12.60 16.54
C ILE A 21 9.92 -12.28 15.18
N ILE A 22 10.88 -11.37 15.12
CA ILE A 22 11.55 -11.06 13.85
C ILE A 22 12.84 -11.86 13.74
N SER A 23 13.07 -12.50 12.60
CA SER A 23 14.31 -13.25 12.42
C SER A 23 14.73 -13.29 10.96
N ASP A 24 15.99 -13.67 10.75
CA ASP A 24 16.55 -13.79 9.41
C ASP A 24 16.25 -15.19 8.86
N ILE A 25 15.50 -15.31 7.77
CA ILE A 25 15.20 -16.62 7.22
C ILE A 25 15.96 -16.91 5.94
N SER A 26 17.00 -16.13 5.69
CA SER A 26 17.83 -16.27 4.51
C SER A 26 18.56 -17.61 4.46
N GLY A 27 19.00 -18.07 5.63
CA GLY A 27 19.74 -19.31 5.75
C GLY A 27 21.11 -19.00 6.35
N PHE A 28 21.44 -17.70 6.33
CA PHE A 28 22.70 -17.22 6.87
C PHE A 28 22.68 -17.07 8.38
N ASN A 29 21.51 -17.02 8.98
CA ASN A 29 21.39 -16.93 10.43
C ASN A 29 21.96 -15.66 11.03
N SER A 30 21.70 -14.49 10.42
CA SER A 30 22.19 -13.27 11.07
C SER A 30 21.31 -13.07 12.31
N SER A 31 21.91 -12.66 13.41
CA SER A 31 21.17 -12.41 14.64
C SER A 31 20.37 -11.12 14.55
N VAL A 32 19.09 -11.19 14.93
CA VAL A 32 18.27 -9.99 14.91
C VAL A 32 17.90 -9.62 16.34
N ILE A 33 18.15 -8.38 16.74
CA ILE A 33 17.86 -7.91 18.08
C ILE A 33 16.72 -6.87 17.99
N THR A 34 15.60 -7.21 18.62
CA THR A 34 14.46 -6.30 18.58
C THR A 34 14.34 -5.53 19.87
N TYR A 35 14.44 -4.21 19.81
CA TYR A 35 14.38 -3.40 21.02
C TYR A 35 12.95 -3.26 21.48
N PRO A 36 12.76 -2.83 22.72
CA PRO A 36 11.44 -2.82 23.33
C PRO A 36 10.34 -2.08 22.57
N ASP A 37 10.67 -0.98 21.92
CA ASP A 37 9.64 -0.19 21.26
C ASP A 37 9.59 -0.35 19.75
N ALA A 38 10.13 -1.44 19.21
CA ALA A 38 9.92 -1.75 17.80
C ALA A 38 8.53 -2.43 17.83
N GLN A 39 7.57 -1.84 17.12
CA GLN A 39 6.21 -2.35 17.18
C GLN A 39 5.88 -3.22 15.99
N LEU A 40 4.82 -4.02 16.11
CA LEU A 40 4.41 -4.86 15.00
C LEU A 40 2.98 -4.45 14.59
N VAL A 41 2.80 -4.15 13.32
CA VAL A 41 1.50 -3.74 12.78
C VAL A 41 1.17 -4.58 11.55
N PRO A 42 -0.03 -4.45 10.99
CA PRO A 42 -0.41 -5.17 9.80
C PRO A 42 0.57 -4.87 8.66
N GLY A 43 0.92 -5.91 7.92
CA GLY A 43 1.88 -5.77 6.81
C GLY A 43 1.26 -6.23 5.50
N ILE A 44 2.11 -6.42 4.50
CA ILE A 44 1.74 -6.78 3.14
C ILE A 44 1.38 -8.26 3.04
N ASN A 45 1.95 -9.06 3.92
CA ASN A 45 1.64 -10.49 3.96
C ASN A 45 2.03 -11.00 5.33
N GLY A 46 1.28 -10.56 6.35
CA GLY A 46 1.56 -10.94 7.74
C GLY A 46 1.65 -9.65 8.57
N LYS A 47 2.67 -9.50 9.39
CA LYS A 47 2.84 -8.29 10.19
C LYS A 47 4.10 -7.56 9.71
N ALA A 48 4.23 -6.28 10.03
CA ALA A 48 5.41 -5.54 9.59
C ALA A 48 6.03 -4.78 10.76
N ILE A 49 7.26 -4.29 10.59
CA ILE A 49 7.90 -3.53 11.65
C ILE A 49 7.41 -2.09 11.66
N HIS A 50 7.14 -1.57 12.84
CA HIS A 50 6.70 -0.17 12.93
C HIS A 50 7.64 0.59 13.85
N LEU A 51 8.32 1.62 13.33
CA LEU A 51 9.30 2.36 14.13
C LEU A 51 8.77 3.72 14.53
N VAL A 52 8.89 4.06 15.81
CA VAL A 52 8.48 5.37 16.30
C VAL A 52 9.75 6.14 16.65
N ASN A 53 9.65 7.43 16.96
CA ASN A 53 10.85 8.25 17.13
C ASN A 53 11.38 8.30 18.56
N ASN A 54 11.95 7.20 18.99
CA ASN A 54 12.65 7.16 20.28
C ASN A 54 13.74 6.10 20.13
N GLU A 55 14.74 6.17 21.01
CA GLU A 55 15.86 5.26 20.89
C GLU A 55 15.57 3.82 21.24
N SER A 56 14.45 3.49 21.85
CA SER A 56 14.06 2.11 22.10
C SER A 56 13.33 1.46 20.92
N SER A 57 13.03 2.25 19.91
CA SER A 57 12.31 1.73 18.74
C SER A 57 13.32 1.42 17.63
N GLU A 58 13.82 0.19 17.65
CA GLU A 58 14.89 -0.19 16.73
C GLU A 58 14.99 -1.68 16.55
N VAL A 59 15.46 -2.10 15.39
CA VAL A 59 15.72 -3.51 15.13
C VAL A 59 17.16 -3.53 14.59
N ILE A 60 18.04 -4.26 15.24
CA ILE A 60 19.43 -4.30 14.76
C ILE A 60 19.77 -5.67 14.22
N VAL A 61 20.33 -5.76 13.01
CA VAL A 61 20.74 -7.04 12.46
C VAL A 61 22.28 -7.15 12.55
N HIS A 62 22.76 -8.18 13.23
CA HIS A 62 24.18 -8.45 13.35
C HIS A 62 24.58 -9.33 12.16
N LYS A 63 25.26 -8.74 11.19
CA LYS A 63 25.62 -9.55 10.02
C LYS A 63 26.43 -10.77 10.42
N ALA A 64 26.02 -11.92 9.86
CA ALA A 64 26.76 -13.15 10.13
C ALA A 64 28.14 -13.04 9.49
N MET A 65 29.09 -13.84 9.98
CA MET A 65 30.46 -13.85 9.48
C MET A 65 30.56 -13.92 7.96
N ASP A 66 29.78 -14.78 7.32
CA ASP A 66 29.79 -14.97 5.88
C ASP A 66 29.44 -13.75 5.05
N ILE A 67 28.62 -12.84 5.55
CA ILE A 67 28.18 -11.67 4.81
C ILE A 67 28.79 -10.36 5.28
N GLU A 68 29.78 -10.39 6.15
CA GLU A 68 30.43 -9.20 6.68
C GLU A 68 30.66 -8.07 5.69
N TYR A 69 31.54 -8.33 4.73
CA TYR A 69 31.96 -7.36 3.73
C TYR A 69 31.43 -7.61 2.33
N ASN A 70 30.22 -8.14 2.21
CA ASN A 70 29.65 -8.43 0.89
C ASN A 70 29.46 -7.20 0.04
N ASP A 71 29.19 -6.04 0.62
CA ASP A 71 29.01 -4.82 -0.16
C ASP A 71 30.24 -3.91 -0.14
N MET A 72 31.41 -4.46 0.16
CA MET A 72 32.61 -3.62 0.15
C MET A 72 32.97 -3.22 -1.28
N PHE A 73 33.06 -4.23 -2.15
CA PHE A 73 33.34 -3.98 -3.55
C PHE A 73 32.32 -4.62 -4.49
N ASN A 74 31.54 -5.59 -3.99
CA ASN A 74 30.60 -6.31 -4.82
C ASN A 74 29.20 -5.73 -4.98
N ASN A 75 28.51 -6.20 -6.02
CA ASN A 75 27.15 -5.77 -6.33
C ASN A 75 26.19 -6.24 -5.24
N PHE A 76 25.15 -5.45 -4.97
CA PHE A 76 24.16 -5.88 -3.97
C PHE A 76 22.86 -5.14 -4.22
N THR A 77 21.77 -5.73 -3.71
CA THR A 77 20.45 -5.12 -3.84
C THR A 77 19.77 -5.13 -2.46
N VAL A 78 19.11 -4.03 -2.13
CA VAL A 78 18.36 -4.01 -0.88
C VAL A 78 16.89 -3.87 -1.28
N SER A 79 15.98 -4.60 -0.63
CA SER A 79 14.58 -4.46 -1.00
C SER A 79 13.78 -4.55 0.31
N PHE A 80 12.66 -3.86 0.35
CA PHE A 80 11.78 -3.81 1.50
C PHE A 80 10.49 -3.10 1.10
N TRP A 81 9.42 -3.46 1.82
CA TRP A 81 8.18 -2.71 1.67
C TRP A 81 8.34 -1.54 2.66
N LEU A 82 7.80 -0.41 2.28
CA LEU A 82 7.88 0.81 3.09
C LEU A 82 6.53 1.50 3.15
N ARG A 83 6.19 2.05 4.31
CA ARG A 83 4.97 2.83 4.45
C ARG A 83 5.32 4.08 5.27
N VAL A 84 5.19 5.24 4.64
CA VAL A 84 5.47 6.50 5.34
C VAL A 84 4.22 7.35 5.34
N PRO A 85 3.84 7.91 6.48
CA PRO A 85 2.62 8.71 6.55
C PRO A 85 2.74 9.93 5.64
N LYS A 86 1.63 10.47 5.16
CA LYS A 86 1.66 11.67 4.34
C LYS A 86 2.09 12.85 5.22
N VAL A 87 3.13 13.54 4.78
CA VAL A 87 3.64 14.69 5.51
C VAL A 87 2.65 15.85 5.39
N SER A 88 2.21 16.40 6.51
CA SER A 88 1.31 17.55 6.49
C SER A 88 2.01 18.76 5.87
N ALA A 89 1.23 19.74 5.40
CA ALA A 89 1.82 20.97 4.88
C ALA A 89 2.66 21.62 6.00
N SER A 90 2.12 21.70 7.19
CA SER A 90 2.81 22.27 8.34
C SER A 90 4.14 21.58 8.59
N HIS A 91 4.15 20.24 8.53
CA HIS A 91 5.39 19.50 8.79
C HIS A 91 6.39 19.60 7.67
N LEU A 92 5.92 19.89 6.46
CA LEU A 92 6.82 20.09 5.33
C LEU A 92 7.58 21.42 5.57
N GLU A 93 6.86 22.41 6.07
CA GLU A 93 7.50 23.69 6.36
C GLU A 93 8.49 23.58 7.51
N GLN A 94 8.05 22.95 8.59
CA GLN A 94 8.87 22.83 9.79
C GLN A 94 10.06 21.89 9.67
N TYR A 95 9.80 20.71 9.08
CA TYR A 95 10.80 19.68 9.00
C TYR A 95 11.28 19.28 7.61
N GLY A 96 10.89 19.98 6.56
CA GLY A 96 11.24 19.62 5.20
C GLY A 96 12.70 19.52 4.83
N THR A 97 13.58 20.21 5.55
CA THR A 97 15.00 20.15 5.32
C THR A 97 15.69 19.17 6.27
N ASN A 98 14.95 18.50 7.14
CA ASN A 98 15.53 17.54 8.06
C ASN A 98 15.66 16.13 7.48
N GLU A 99 16.87 15.74 7.11
CA GLU A 99 17.08 14.40 6.57
C GLU A 99 17.37 13.42 7.71
N TYR A 100 16.59 12.35 7.76
CA TYR A 100 16.79 11.33 8.78
C TYR A 100 16.87 9.94 8.17
N SER A 101 17.77 9.11 8.67
CA SER A 101 17.91 7.75 8.19
C SER A 101 16.80 6.89 8.79
N ILE A 102 16.49 5.79 8.11
CA ILE A 102 15.52 4.85 8.66
C ILE A 102 16.15 3.47 8.65
N ILE A 103 17.07 3.26 7.71
CA ILE A 103 17.76 1.98 7.58
C ILE A 103 19.22 2.30 7.18
N SER A 104 20.17 1.71 7.89
CA SER A 104 21.57 2.05 7.54
C SER A 104 22.58 1.02 8.01
N SER A 105 23.72 1.00 7.30
CA SER A 105 24.81 0.09 7.65
C SER A 105 26.01 0.91 8.11
N MET A 106 25.83 2.22 8.24
CA MET A 106 26.88 3.12 8.64
C MET A 106 27.08 3.19 10.15
N LYS A 107 28.30 2.88 10.59
CA LYS A 107 28.71 3.03 11.98
C LYS A 107 28.65 4.52 12.29
N LYS A 108 28.95 4.92 13.53
CA LYS A 108 28.88 6.36 13.82
C LYS A 108 29.24 6.68 15.26
N HIS A 109 29.50 5.63 16.05
CA HIS A 109 29.83 5.82 17.47
C HIS A 109 31.30 5.56 17.78
N SER A 110 32.12 5.17 16.79
CA SER A 110 33.53 4.90 17.07
C SER A 110 34.43 5.59 16.06
N LEU A 111 33.93 5.64 14.83
CA LEU A 111 34.63 6.27 13.73
C LEU A 111 33.68 7.26 13.07
N SER A 112 34.07 8.53 13.04
CA SER A 112 33.29 9.62 12.49
C SER A 112 33.11 9.60 10.98
N ILE A 113 33.57 8.55 10.31
CA ILE A 113 33.51 8.34 8.88
C ILE A 113 32.11 8.01 8.38
N GLY A 114 31.48 6.99 8.96
CA GLY A 114 30.13 6.60 8.58
C GLY A 114 30.09 6.00 7.18
N SER A 115 31.01 5.11 6.88
CA SER A 115 31.04 4.47 5.56
C SER A 115 29.94 3.43 5.48
N GLY A 116 29.42 3.11 4.29
CA GLY A 116 28.35 2.10 4.23
C GLY A 116 27.19 2.59 3.38
N TRP A 117 25.96 2.15 3.66
CA TRP A 117 24.83 2.63 2.87
C TRP A 117 23.70 3.10 3.80
N SER A 118 22.81 3.93 3.28
CA SER A 118 21.67 4.37 4.07
C SER A 118 20.44 4.67 3.21
N VAL A 119 19.29 4.41 3.83
CA VAL A 119 17.99 4.80 3.31
C VAL A 119 17.54 5.96 4.21
N SER A 120 17.28 7.11 3.66
CA SER A 120 16.88 8.24 4.49
C SER A 120 15.71 8.97 3.87
N LEU A 121 15.04 9.81 4.62
CA LEU A 121 13.91 10.60 4.18
C LEU A 121 14.17 12.08 4.48
N LYS A 122 13.72 12.97 3.63
CA LYS A 122 13.87 14.40 3.85
C LYS A 122 12.66 15.07 3.21
N GLY A 123 11.71 15.53 4.02
CA GLY A 123 10.46 16.05 3.44
C GLY A 123 9.86 14.90 2.61
N ASN A 124 9.50 15.18 1.38
CA ASN A 124 8.96 14.18 0.47
C ASN A 124 9.99 13.59 -0.48
N ASN A 125 11.23 13.48 -0.05
CA ASN A 125 12.31 12.86 -0.79
C ASN A 125 12.75 11.57 -0.12
N LEU A 126 12.98 10.55 -0.93
CA LEU A 126 13.51 9.28 -0.50
C LEU A 126 14.95 9.22 -1.03
N ILE A 127 15.88 8.95 -0.12
CA ILE A 127 17.29 9.05 -0.56
C ILE A 127 18.10 7.82 -0.26
N TRP A 128 18.89 7.43 -1.26
CA TRP A 128 19.80 6.29 -1.12
C TRP A 128 21.23 6.85 -1.12
N THR A 129 22.03 6.45 -0.15
CA THR A 129 23.43 6.95 -0.19
C THR A 129 24.40 5.85 0.11
N LEU A 130 25.52 5.91 -0.64
CA LEU A 130 26.60 4.95 -0.52
C LEU A 130 27.85 5.83 -0.22
N LYS A 131 28.65 5.41 0.71
CA LYS A 131 29.84 6.22 1.05
C LYS A 131 31.00 5.26 1.21
N ASP A 132 32.10 5.43 0.51
CA ASP A 132 33.23 4.51 0.67
C ASP A 132 34.16 4.95 1.79
N SER A 133 35.23 4.19 1.96
CA SER A 133 36.23 4.42 2.98
C SER A 133 36.97 5.76 2.94
N ALA A 134 36.96 6.44 1.80
CA ALA A 134 37.62 7.73 1.68
C ALA A 134 36.62 8.85 1.85
N GLY A 135 35.35 8.51 2.14
CA GLY A 135 34.33 9.53 2.24
C GLY A 135 33.74 9.92 0.89
N GLU A 136 34.04 9.15 -0.17
CA GLU A 136 33.50 9.54 -1.48
C GLU A 136 31.99 9.27 -1.35
N VAL A 137 31.16 10.02 -2.01
CA VAL A 137 29.73 9.78 -1.85
C VAL A 137 28.98 9.75 -3.16
N ARG A 138 27.96 8.89 -3.21
CA ARG A 138 27.06 8.80 -4.33
C ARG A 138 25.62 8.71 -3.77
N GLN A 139 24.70 9.45 -4.36
CA GLN A 139 23.34 9.44 -3.84
C GLN A 139 22.29 9.42 -4.95
N ILE A 140 21.17 8.79 -4.62
CA ILE A 140 20.00 8.88 -5.48
C ILE A 140 18.97 9.62 -4.64
N THR A 141 18.47 10.73 -5.14
CA THR A 141 17.48 11.50 -4.44
C THR A 141 16.17 11.42 -5.23
N PHE A 142 15.20 10.68 -4.73
CA PHE A 142 13.91 10.57 -5.38
C PHE A 142 12.91 11.59 -4.85
N ARG A 143 12.44 12.49 -5.69
CA ARG A 143 11.46 13.48 -5.26
C ARG A 143 10.07 12.89 -5.53
N ASP A 144 9.26 12.72 -4.49
CA ASP A 144 7.96 12.08 -4.71
C ASP A 144 7.01 12.90 -5.54
N LEU A 145 5.96 12.27 -6.08
CA LEU A 145 4.95 12.95 -6.84
C LEU A 145 4.23 14.02 -6.03
N PRO A 146 3.91 15.14 -6.66
CA PRO A 146 3.18 16.22 -6.03
C PRO A 146 1.75 15.79 -5.70
N ASP A 147 1.13 14.95 -6.51
CA ASP A 147 -0.23 14.48 -6.27
C ASP A 147 -0.20 13.37 -5.22
N LYS A 148 -0.58 13.69 -4.00
CA LYS A 148 -0.46 12.74 -2.88
C LYS A 148 -1.36 11.55 -2.95
N PHE A 149 -2.46 11.63 -3.73
CA PHE A 149 -3.30 10.45 -3.91
C PHE A 149 -2.54 9.36 -4.64
N ASN A 150 -1.59 9.70 -5.51
CA ASN A 150 -0.85 8.73 -6.28
C ASN A 150 0.62 8.64 -5.90
N ALA A 151 1.03 9.38 -4.87
CA ALA A 151 2.43 9.39 -4.45
C ALA A 151 2.84 8.15 -3.67
N TYR A 152 4.13 7.88 -3.58
CA TYR A 152 4.72 6.72 -2.96
C TYR A 152 5.09 6.93 -1.50
N LEU A 153 5.25 8.17 -1.06
CA LEU A 153 5.54 8.41 0.36
C LEU A 153 4.34 9.13 0.94
N ALA A 154 3.16 8.55 0.72
CA ALA A 154 1.92 9.15 1.14
C ALA A 154 0.90 8.15 1.70
N ASN A 155 1.40 7.36 2.65
CA ASN A 155 0.67 6.45 3.50
C ASN A 155 0.25 5.10 2.95
N LYS A 156 0.67 4.77 1.73
CA LYS A 156 0.39 3.43 1.24
C LYS A 156 1.64 2.56 1.36
N TRP A 157 1.43 1.25 1.47
CA TRP A 157 2.56 0.33 1.37
C TRP A 157 3.07 0.36 -0.06
N VAL A 158 4.39 0.52 -0.24
CA VAL A 158 5.04 0.54 -1.55
C VAL A 158 6.31 -0.31 -1.43
N PHE A 159 6.72 -0.88 -2.55
CA PHE A 159 7.87 -1.77 -2.55
C PHE A 159 9.12 -1.10 -3.11
N ILE A 160 10.11 -1.02 -2.26
CA ILE A 160 11.38 -0.38 -2.60
C ILE A 160 12.42 -1.39 -2.99
N THR A 161 13.19 -1.09 -4.07
CA THR A 161 14.32 -1.95 -4.38
C THR A 161 15.41 -1.09 -5.03
N ILE A 162 16.59 -1.24 -4.47
CA ILE A 162 17.75 -0.43 -4.90
C ILE A 162 18.88 -1.39 -5.27
N THR A 163 19.29 -1.37 -6.53
CA THR A 163 20.33 -2.26 -6.99
C THR A 163 21.59 -1.43 -7.15
N ASN A 164 22.71 -2.05 -6.89
CA ASN A 164 24.01 -1.38 -6.92
C ASN A 164 24.97 -2.23 -7.75
N ASP A 165 25.28 -1.71 -8.93
CA ASP A 165 26.21 -2.40 -9.82
C ASP A 165 27.49 -1.54 -9.76
N ARG A 166 28.52 -2.07 -9.14
CA ARG A 166 29.77 -1.36 -8.92
C ARG A 166 30.48 -0.91 -10.19
N LEU A 167 30.20 -1.52 -11.34
CA LEU A 167 30.79 -1.13 -12.59
C LEU A 167 29.92 -0.11 -13.30
N SER A 168 28.73 0.23 -12.78
CA SER A 168 27.93 1.23 -13.47
C SER A 168 27.09 2.11 -12.59
N SER A 169 25.83 1.73 -12.31
CA SER A 169 24.99 2.59 -11.50
C SER A 169 24.25 1.87 -10.37
N ALA A 170 23.72 2.73 -9.51
CA ALA A 170 22.82 2.33 -8.45
C ALA A 170 21.45 2.76 -8.99
N ASN A 171 20.44 1.89 -8.88
CA ASN A 171 19.13 2.22 -9.42
C ASN A 171 18.07 1.96 -8.32
N LEU A 172 17.19 2.92 -8.18
CA LEU A 172 16.10 2.89 -7.21
C LEU A 172 14.79 2.64 -7.96
N TYR A 173 14.09 1.59 -7.52
CA TYR A 173 12.80 1.21 -8.09
C TYR A 173 11.73 1.27 -6.99
N ILE A 174 10.54 1.66 -7.41
CA ILE A 174 9.39 1.66 -6.49
C ILE A 174 8.28 0.89 -7.22
N ASN A 175 7.81 -0.19 -6.63
CA ASN A 175 6.77 -1.01 -7.27
C ASN A 175 7.22 -1.46 -8.65
N GLY A 176 8.47 -1.92 -8.74
CA GLY A 176 9.10 -2.41 -9.93
C GLY A 176 9.43 -1.38 -10.99
N VAL A 177 9.15 -0.11 -10.79
CA VAL A 177 9.37 0.94 -11.78
C VAL A 177 10.61 1.73 -11.40
N LEU A 178 11.49 1.97 -12.37
CA LEU A 178 12.73 2.74 -12.06
C LEU A 178 12.38 4.20 -11.80
N MET A 179 12.78 4.75 -10.66
CA MET A 179 12.45 6.11 -10.28
C MET A 179 13.66 7.03 -10.26
N GLY A 180 14.85 6.46 -10.17
CA GLY A 180 16.04 7.35 -10.15
C GLY A 180 17.28 6.49 -10.22
N SER A 181 18.41 7.13 -10.54
CA SER A 181 19.66 6.37 -10.64
C SER A 181 20.85 7.30 -10.42
N ALA A 182 22.01 6.72 -10.19
CA ALA A 182 23.24 7.49 -10.03
C ALA A 182 24.41 6.62 -10.48
N GLU A 183 25.34 7.20 -11.23
CA GLU A 183 26.51 6.42 -11.61
C GLU A 183 27.33 6.22 -10.34
N ILE A 184 27.85 5.04 -10.07
CA ILE A 184 28.57 4.82 -8.84
C ILE A 184 30.00 4.36 -9.08
N THR A 185 30.47 4.51 -10.33
CA THR A 185 31.88 4.15 -10.52
C THR A 185 32.64 5.29 -9.83
N GLY A 186 33.81 4.96 -9.29
CA GLY A 186 34.58 6.01 -8.61
C GLY A 186 34.51 5.80 -7.11
N LEU A 187 33.66 4.88 -6.68
CA LEU A 187 33.59 4.55 -5.27
C LEU A 187 34.56 3.41 -5.03
N GLY A 188 35.27 3.44 -3.91
CA GLY A 188 36.17 2.34 -3.60
C GLY A 188 35.44 1.38 -2.66
N ALA A 189 36.20 0.91 -1.69
CA ALA A 189 35.75 -0.05 -0.69
C ALA A 189 34.74 0.55 0.28
N ILE A 190 33.58 -0.09 0.34
CA ILE A 190 32.56 0.38 1.30
C ILE A 190 32.81 -0.40 2.59
N ARG A 191 33.25 0.32 3.62
CA ARG A 191 33.62 -0.29 4.89
C ARG A 191 32.62 0.16 5.96
N GLU A 192 31.52 -0.57 6.02
CA GLU A 192 30.41 -0.25 6.89
C GLU A 192 30.43 -0.91 8.25
N ASP A 193 29.48 -0.50 9.08
CA ASP A 193 29.31 -1.07 10.41
C ASP A 193 29.00 -2.55 10.26
N ASN A 194 29.17 -3.32 11.32
CA ASN A 194 28.87 -4.74 11.37
C ASN A 194 27.36 -4.96 11.51
N ASN A 195 26.66 -3.91 11.96
CA ASN A 195 25.23 -3.95 12.16
C ASN A 195 24.47 -3.19 11.08
N ILE A 196 23.29 -3.69 10.78
CA ILE A 196 22.34 -3.06 9.87
C ILE A 196 21.23 -2.59 10.83
N THR A 197 21.04 -1.29 10.93
CA THR A 197 20.12 -0.72 11.89
C THR A 197 18.84 -0.15 11.28
N LEU A 198 17.72 -0.68 11.76
CA LEU A 198 16.41 -0.16 11.34
C LEU A 198 15.97 0.75 12.47
N LYS A 199 16.02 2.05 12.28
CA LYS A 199 15.71 3.02 13.33
C LYS A 199 15.63 4.42 12.77
N LEU A 200 14.79 5.28 13.33
CA LEU A 200 14.77 6.67 12.88
C LEU A 200 15.99 7.37 13.48
N ASP A 201 16.89 7.87 12.63
CA ASP A 201 18.07 8.53 13.18
C ASP A 201 18.15 9.98 12.73
N ARG A 202 18.22 10.92 13.67
CA ARG A 202 18.34 12.33 13.38
C ARG A 202 17.05 12.97 12.88
N CYS A 203 15.94 12.36 13.29
CA CYS A 203 14.63 12.89 12.95
C CYS A 203 14.20 13.85 14.05
N ASN A 204 13.98 15.12 13.71
CA ASN A 204 13.61 16.15 14.66
C ASN A 204 12.14 16.11 15.02
N ASN A 205 11.33 15.43 14.24
CA ASN A 205 9.89 15.33 14.52
C ASN A 205 9.57 14.16 15.43
N ASN A 206 9.24 14.46 16.68
CA ASN A 206 8.91 13.50 17.71
C ASN A 206 7.80 12.52 17.31
N ASN A 207 6.85 12.97 16.52
CA ASN A 207 5.72 12.15 16.10
C ASN A 207 5.91 11.37 14.82
N GLN A 208 7.09 11.42 14.23
CA GLN A 208 7.34 10.68 12.99
C GLN A 208 7.39 9.18 13.24
N TYR A 209 6.83 8.43 12.29
CA TYR A 209 6.91 6.98 12.36
C TYR A 209 7.06 6.48 10.94
N VAL A 210 7.53 5.26 10.75
CA VAL A 210 7.61 4.63 9.44
C VAL A 210 7.29 3.14 9.68
N SER A 211 6.90 2.43 8.65
CA SER A 211 6.71 0.99 8.77
C SER A 211 7.52 0.32 7.68
N ILE A 212 8.15 -0.80 7.99
CA ILE A 212 9.03 -1.50 7.04
C ILE A 212 8.74 -2.98 7.09
N ASP A 213 8.77 -3.64 5.94
CA ASP A 213 8.48 -5.08 5.95
C ASP A 213 9.36 -5.80 4.94
N LYS A 214 9.62 -7.08 5.18
CA LYS A 214 10.37 -7.94 4.28
C LYS A 214 11.75 -7.42 3.91
N PHE A 215 12.45 -6.77 4.84
CA PHE A 215 13.79 -6.26 4.53
C PHE A 215 14.68 -7.38 4.00
N ARG A 216 15.31 -7.20 2.85
CA ARG A 216 16.02 -8.30 2.20
C ARG A 216 17.23 -7.73 1.46
N ILE A 217 18.32 -8.49 1.53
CA ILE A 217 19.55 -8.08 0.86
C ILE A 217 19.93 -9.21 -0.11
N PHE A 218 20.31 -8.83 -1.32
CA PHE A 218 20.73 -9.82 -2.31
C PHE A 218 22.21 -9.55 -2.67
N CYS A 219 22.94 -10.62 -2.99
CA CYS A 219 24.34 -10.45 -3.37
C CYS A 219 24.56 -10.24 -4.85
N LYS A 220 23.71 -9.48 -5.51
CA LYS A 220 23.84 -9.11 -6.90
C LYS A 220 22.94 -7.90 -7.19
N ALA A 221 23.19 -7.27 -8.34
CA ALA A 221 22.32 -6.17 -8.76
C ALA A 221 21.22 -6.80 -9.62
N LEU A 222 20.01 -6.82 -9.07
CA LEU A 222 18.88 -7.45 -9.76
C LEU A 222 18.50 -6.68 -11.01
N ASN A 223 18.09 -7.42 -12.05
CA ASN A 223 17.63 -6.76 -13.28
C ASN A 223 16.12 -6.53 -13.16
N PRO A 224 15.56 -5.74 -14.06
CA PRO A 224 14.14 -5.42 -14.06
C PRO A 224 13.22 -6.62 -13.97
N LYS A 225 13.52 -7.69 -14.70
CA LYS A 225 12.70 -8.88 -14.69
C LYS A 225 12.70 -9.54 -13.31
N GLU A 226 13.85 -9.70 -12.69
CA GLU A 226 14.00 -10.25 -11.37
C GLU A 226 13.28 -9.43 -10.31
N ILE A 227 13.33 -8.11 -10.47
CA ILE A 227 12.69 -7.18 -9.55
C ILE A 227 11.18 -7.24 -9.69
N GLU A 228 10.71 -7.32 -10.94
CA GLU A 228 9.27 -7.40 -11.18
C GLU A 228 8.70 -8.66 -10.55
N LYS A 229 9.40 -9.79 -10.69
CA LYS A 229 8.98 -11.04 -10.09
C LYS A 229 9.01 -10.97 -8.57
N LEU A 230 10.07 -10.36 -8.04
CA LEU A 230 10.22 -10.20 -6.60
C LEU A 230 9.05 -9.39 -6.06
N TYR A 231 8.79 -8.26 -6.68
CA TYR A 231 7.68 -7.40 -6.30
C TYR A 231 6.35 -8.15 -6.29
N THR A 232 6.00 -8.76 -7.41
CA THR A 232 4.72 -9.47 -7.54
C THR A 232 4.65 -10.74 -6.71
N SER A 233 5.76 -11.26 -6.20
CA SER A 233 5.76 -12.44 -5.36
C SER A 233 5.16 -12.17 -3.98
N TYR A 234 5.16 -10.90 -3.56
CA TYR A 234 4.59 -10.53 -2.29
C TYR A 234 3.08 -10.29 -2.36
N LEU A 235 2.54 -10.08 -3.56
CA LEU A 235 1.11 -9.81 -3.68
C LEU A 235 0.25 -11.06 -3.59
N SER A 236 0.03 -11.57 -2.38
CA SER A 236 -0.79 -12.77 -2.13
C SER A 236 -2.26 -12.50 -2.37
N ILE A 237 -2.81 -13.05 -3.45
CA ILE A 237 -4.14 -12.89 -3.95
C ILE A 237 -5.34 -13.31 -3.12
N THR A 238 -5.16 -14.10 -2.09
CA THR A 238 -6.24 -14.59 -1.26
C THR A 238 -6.86 -13.52 -0.37
N PHE A 239 -6.02 -12.64 0.16
CA PHE A 239 -6.45 -11.62 1.11
C PHE A 239 -6.65 -10.27 0.45
N LEU A 240 -7.83 -9.67 0.59
CA LEU A 240 -8.11 -8.36 0.02
C LEU A 240 -7.47 -7.23 0.82
N ARG A 241 -7.25 -6.11 0.17
CA ARG A 241 -6.50 -4.97 0.75
C ARG A 241 -7.30 -3.65 0.76
N ASP A 242 -7.09 -2.84 1.80
CA ASP A 242 -7.69 -1.50 1.77
C ASP A 242 -6.80 -0.59 0.94
N PHE A 243 -7.19 0.68 0.87
CA PHE A 243 -6.48 1.68 0.06
C PHE A 243 -5.00 1.83 0.41
N TRP A 244 -4.70 1.64 1.69
CA TRP A 244 -3.32 1.78 2.15
C TRP A 244 -2.47 0.56 1.93
N GLY A 245 -3.07 -0.55 1.55
CA GLY A 245 -2.34 -1.79 1.30
C GLY A 245 -2.46 -2.71 2.52
N ASN A 246 -3.21 -2.31 3.56
CA ASN A 246 -3.37 -3.19 4.71
C ASN A 246 -4.56 -4.10 4.45
N PRO A 247 -4.67 -5.20 5.19
CA PRO A 247 -5.76 -6.14 4.99
C PRO A 247 -7.13 -5.50 5.16
N LEU A 248 -8.05 -5.78 4.22
CA LEU A 248 -9.43 -5.31 4.30
C LEU A 248 -10.08 -6.02 5.48
N ARG A 249 -10.90 -5.31 6.23
CA ARG A 249 -11.51 -5.92 7.40
C ARG A 249 -13.04 -5.83 7.39
N TYR A 250 -13.62 -6.82 8.08
CA TYR A 250 -15.07 -6.76 8.31
C TYR A 250 -15.31 -5.70 9.39
N ASP A 251 -16.54 -5.26 9.55
CA ASP A 251 -17.00 -4.40 10.63
C ASP A 251 -16.24 -3.10 10.81
N THR A 252 -15.74 -2.50 9.73
CA THR A 252 -15.02 -1.24 9.76
C THR A 252 -15.48 -0.37 8.59
N GLU A 253 -15.67 0.90 8.90
CA GLU A 253 -16.16 1.90 7.98
C GLU A 253 -15.10 2.24 6.93
N TYR A 254 -15.48 2.16 5.66
CA TYR A 254 -14.63 2.46 4.55
C TYR A 254 -15.34 3.47 3.64
N TYR A 255 -14.56 4.39 3.11
CA TYR A 255 -15.11 5.32 2.12
C TYR A 255 -14.82 4.64 0.78
N LEU A 256 -15.76 4.59 -0.16
CA LEU A 256 -15.49 3.99 -1.46
C LEU A 256 -15.08 4.98 -2.54
N ILE A 257 -14.04 4.68 -3.31
CA ILE A 257 -13.61 5.53 -4.41
C ILE A 257 -13.39 4.64 -5.63
N PRO A 258 -14.02 4.94 -6.77
CA PRO A 258 -13.82 4.16 -7.98
C PRO A 258 -12.41 4.38 -8.50
N VAL A 259 -11.68 3.31 -8.77
CA VAL A 259 -10.33 3.39 -9.29
C VAL A 259 -10.34 4.12 -10.63
N ALA A 260 -11.35 3.86 -11.45
CA ALA A 260 -11.46 4.45 -12.78
C ALA A 260 -11.76 5.95 -12.78
N SER A 261 -12.27 6.50 -11.70
CA SER A 261 -12.57 7.93 -11.60
C SER A 261 -12.19 8.34 -10.18
N SER A 262 -10.90 8.30 -9.87
CA SER A 262 -10.44 8.55 -8.50
C SER A 262 -10.73 9.92 -7.93
N SER A 263 -11.19 10.90 -8.71
CA SER A 263 -11.60 12.21 -8.22
C SER A 263 -13.02 12.22 -7.67
N LYS A 264 -13.72 11.10 -7.71
CA LYS A 264 -15.10 10.97 -7.33
C LYS A 264 -15.40 10.21 -6.03
N ASP A 265 -16.32 10.78 -5.26
CA ASP A 265 -16.77 10.16 -4.03
C ASP A 265 -18.16 9.57 -4.28
N VAL A 266 -18.62 8.75 -3.35
CA VAL A 266 -19.97 8.20 -3.52
C VAL A 266 -20.92 8.98 -2.63
N GLN A 267 -22.09 9.29 -3.17
CA GLN A 267 -23.14 9.98 -2.44
C GLN A 267 -24.45 9.21 -2.55
N LEU A 268 -25.34 9.42 -1.58
CA LEU A 268 -26.63 8.76 -1.55
C LEU A 268 -27.73 9.76 -1.88
N LYS A 269 -28.62 9.43 -2.80
CA LYS A 269 -29.73 10.29 -3.16
C LYS A 269 -30.65 10.45 -1.95
N ASN A 270 -31.09 9.34 -1.39
CA ASN A 270 -31.94 9.31 -0.20
C ASN A 270 -32.06 7.88 0.28
N ILE A 271 -32.46 7.68 1.54
CA ILE A 271 -32.69 6.32 2.02
C ILE A 271 -33.73 5.67 1.13
N THR A 272 -33.59 4.42 0.78
CA THR A 272 -34.31 3.54 -0.08
C THR A 272 -33.96 3.74 -1.56
N ASP A 273 -33.24 4.80 -1.86
CA ASP A 273 -32.92 5.18 -3.23
C ASP A 273 -31.50 4.87 -3.66
N TYR A 274 -31.09 5.45 -4.79
CA TYR A 274 -29.79 5.13 -5.37
C TYR A 274 -28.60 5.94 -4.92
N MET A 275 -27.42 5.43 -5.34
CA MET A 275 -26.16 6.09 -5.05
C MET A 275 -25.53 6.62 -6.34
N TYR A 276 -24.74 7.67 -6.25
CA TYR A 276 -24.10 8.24 -7.43
C TYR A 276 -22.78 8.90 -7.08
N LEU A 277 -21.94 9.13 -8.10
CA LEU A 277 -20.66 9.75 -7.90
C LEU A 277 -20.77 11.26 -7.81
N THR A 278 -19.87 11.84 -7.02
CA THR A 278 -19.76 13.29 -6.88
C THR A 278 -18.27 13.66 -6.89
N ASN A 279 -17.99 14.89 -7.29
CA ASN A 279 -16.61 15.34 -7.33
C ASN A 279 -16.09 15.62 -5.93
N ALA A 280 -14.95 15.01 -5.61
CA ALA A 280 -14.37 15.24 -4.29
C ALA A 280 -13.80 16.65 -4.18
N PRO A 281 -13.86 17.25 -3.01
CA PRO A 281 -13.21 18.54 -2.79
C PRO A 281 -11.71 18.31 -2.89
N SER A 282 -10.92 19.35 -3.14
CA SER A 282 -9.49 19.25 -3.33
C SER A 282 -8.66 20.18 -2.45
N TYR A 283 -7.40 19.81 -2.22
CA TYR A 283 -6.46 20.62 -1.46
C TYR A 283 -5.25 20.87 -2.34
N THR A 284 -4.82 22.13 -2.46
CA THR A 284 -3.68 22.46 -3.31
C THR A 284 -2.76 23.45 -2.59
N ASN A 285 -1.46 23.27 -2.71
CA ASN A 285 -0.50 24.18 -2.06
C ASN A 285 0.60 24.47 -3.06
N GLY A 286 0.45 25.58 -3.78
CA GLY A 286 1.40 26.01 -4.80
C GLY A 286 2.78 26.23 -4.22
N LYS A 287 2.90 26.88 -3.06
CA LYS A 287 4.21 27.08 -2.45
C LYS A 287 4.98 25.79 -2.25
N LEU A 288 4.34 24.75 -1.71
CA LEU A 288 5.01 23.49 -1.43
C LEU A 288 4.91 22.47 -2.56
N ASN A 289 4.10 22.76 -3.56
CA ASN A 289 3.94 21.86 -4.70
C ASN A 289 3.37 20.51 -4.26
N ILE A 290 2.27 20.59 -3.51
CA ILE A 290 1.57 19.38 -3.11
C ILE A 290 0.09 19.67 -3.42
N TYR A 291 -0.63 18.61 -3.77
CA TYR A 291 -2.05 18.71 -4.00
C TYR A 291 -2.63 17.28 -3.95
N TYR A 292 -3.92 17.19 -3.68
CA TYR A 292 -4.55 15.87 -3.65
C TYR A 292 -6.04 16.11 -3.47
N ARG A 293 -6.81 15.17 -3.98
CA ARG A 293 -8.26 15.14 -3.76
C ARG A 293 -8.35 14.88 -2.27
N ARG A 294 -9.28 15.51 -1.57
CA ARG A 294 -9.40 15.32 -0.12
C ARG A 294 -10.03 13.97 0.18
N LEU A 295 -9.61 13.31 1.25
CA LEU A 295 -10.22 12.03 1.55
C LEU A 295 -11.32 12.23 2.57
N TYR A 296 -12.07 11.17 2.79
CA TYR A 296 -13.03 11.00 3.85
C TYR A 296 -14.34 11.74 3.72
N ASN A 297 -14.76 12.07 2.51
CA ASN A 297 -16.07 12.68 2.31
C ASN A 297 -16.94 11.61 1.62
N GLY A 298 -18.26 11.73 1.66
CA GLY A 298 -19.10 10.76 0.99
C GLY A 298 -19.67 9.71 1.90
N LEU A 299 -20.08 8.57 1.34
CA LEU A 299 -20.68 7.51 2.13
C LEU A 299 -19.71 6.65 2.90
N LYS A 300 -20.10 6.24 4.10
CA LYS A 300 -19.25 5.32 4.86
C LYS A 300 -19.87 3.93 4.65
N PHE A 301 -19.13 2.97 4.16
CA PHE A 301 -19.65 1.62 3.99
C PHE A 301 -19.05 0.66 5.01
N ILE A 302 -19.80 -0.40 5.31
CA ILE A 302 -19.30 -1.40 6.23
C ILE A 302 -19.52 -2.79 5.60
N ILE A 303 -18.55 -3.64 5.70
CA ILE A 303 -18.62 -5.01 5.19
C ILE A 303 -18.96 -5.96 6.33
N LYS A 304 -20.04 -6.72 6.19
CA LYS A 304 -20.41 -7.70 7.21
C LYS A 304 -20.36 -9.10 6.63
N ARG A 305 -20.07 -10.12 7.44
CA ARG A 305 -20.00 -11.48 6.92
C ARG A 305 -21.42 -11.98 6.59
N TYR A 306 -21.56 -12.67 5.47
CA TYR A 306 -22.87 -13.18 5.05
C TYR A 306 -23.32 -14.34 5.93
N THR A 307 -22.46 -15.27 6.23
CA THR A 307 -22.67 -16.25 7.27
C THR A 307 -21.42 -16.36 8.12
N PRO A 308 -21.54 -17.05 9.25
CA PRO A 308 -20.41 -17.64 9.91
C PRO A 308 -19.70 -18.49 8.91
N ASN A 309 -18.53 -19.02 9.28
CA ASN A 309 -17.93 -20.04 8.47
C ASN A 309 -17.48 -21.27 9.23
N ASN A 310 -16.18 -21.28 9.57
CA ASN A 310 -15.74 -22.20 10.59
C ASN A 310 -14.89 -21.49 11.67
N GLU A 311 -14.29 -20.37 11.26
CA GLU A 311 -13.64 -19.52 12.24
C GLU A 311 -13.64 -18.08 11.78
N ILE A 312 -13.77 -17.24 12.79
CA ILE A 312 -14.01 -15.81 12.55
C ILE A 312 -12.73 -15.01 12.36
N ASP A 313 -12.38 -14.79 11.10
CA ASP A 313 -11.20 -14.00 10.76
C ASP A 313 -11.65 -12.55 10.65
N SER A 314 -10.85 -11.59 11.09
CA SER A 314 -11.31 -10.22 10.96
C SER A 314 -11.03 -9.70 9.53
N PHE A 315 -10.16 -10.35 8.79
CA PHE A 315 -9.85 -9.90 7.44
C PHE A 315 -10.80 -10.55 6.41
N VAL A 316 -10.98 -9.81 5.32
CA VAL A 316 -11.83 -10.31 4.24
C VAL A 316 -10.99 -11.03 3.20
N LYS A 317 -11.37 -12.23 2.80
CA LYS A 317 -10.62 -12.97 1.78
C LYS A 317 -11.34 -12.95 0.45
N SER A 318 -10.62 -13.06 -0.68
CA SER A 318 -11.35 -13.12 -1.95
C SER A 318 -12.23 -14.37 -1.93
N GLY A 319 -13.49 -14.24 -2.37
CA GLY A 319 -14.37 -15.42 -2.33
C GLY A 319 -15.34 -15.38 -1.16
N ASP A 320 -15.07 -14.49 -0.19
CA ASP A 320 -15.96 -14.37 0.95
C ASP A 320 -17.29 -13.77 0.54
N PHE A 321 -18.37 -14.32 1.10
CA PHE A 321 -19.70 -13.76 0.85
C PHE A 321 -19.93 -12.72 1.92
N ILE A 322 -20.41 -11.56 1.52
CA ILE A 322 -20.57 -10.45 2.46
C ILE A 322 -21.92 -9.79 2.25
N LYS A 323 -22.24 -8.89 3.16
CA LYS A 323 -23.39 -8.03 3.08
C LYS A 323 -22.78 -6.63 3.18
N LEU A 324 -23.16 -5.76 2.26
CA LEU A 324 -22.60 -4.42 2.28
C LEU A 324 -23.59 -3.42 2.83
N TYR A 325 -23.16 -2.65 3.82
CA TYR A 325 -24.03 -1.64 4.41
C TYR A 325 -23.48 -0.24 4.28
N VAL A 326 -24.37 0.74 4.28
CA VAL A 326 -23.91 2.12 4.36
C VAL A 326 -24.34 2.61 5.76
N SER A 327 -23.40 3.31 6.42
CA SER A 327 -23.68 3.84 7.77
C SER A 327 -24.09 5.29 7.63
N TYR A 328 -25.36 5.60 7.83
CA TYR A 328 -25.89 6.94 7.62
C TYR A 328 -26.73 7.47 8.75
N ASN A 329 -26.21 8.49 9.44
CA ASN A 329 -26.88 9.08 10.60
C ASN A 329 -26.81 8.12 11.78
N ASN A 330 -25.77 7.29 11.82
CA ASN A 330 -25.57 6.28 12.84
C ASN A 330 -26.50 5.08 12.69
N ASN A 331 -27.25 5.03 11.61
CA ASN A 331 -28.14 3.94 11.27
C ASN A 331 -27.46 3.16 10.14
N GLU A 332 -27.62 1.84 10.11
CA GLU A 332 -26.98 1.03 9.08
C GLU A 332 -28.06 0.59 8.09
N HIS A 333 -27.73 0.71 6.80
CA HIS A 333 -28.70 0.39 5.74
C HIS A 333 -28.07 -0.55 4.71
N ILE A 334 -28.72 -1.69 4.47
CA ILE A 334 -28.14 -2.64 3.53
C ILE A 334 -28.20 -2.16 2.08
N VAL A 335 -27.20 -2.51 1.29
CA VAL A 335 -27.17 -2.16 -0.14
C VAL A 335 -27.61 -3.37 -0.94
N GLY A 336 -28.50 -3.19 -1.93
CA GLY A 336 -28.88 -4.38 -2.72
C GLY A 336 -29.74 -3.91 -3.89
N TYR A 337 -30.30 -4.90 -4.56
CA TYR A 337 -31.17 -4.64 -5.70
C TYR A 337 -32.52 -5.33 -5.50
N PRO A 338 -33.60 -4.57 -5.58
CA PRO A 338 -34.94 -5.13 -5.43
C PRO A 338 -35.35 -5.95 -6.64
N LYS A 339 -36.05 -7.06 -6.41
CA LYS A 339 -36.51 -7.90 -7.52
C LYS A 339 -37.31 -7.06 -8.50
N ASP A 340 -37.00 -7.01 -9.78
CA ASP A 340 -37.74 -6.20 -10.74
C ASP A 340 -37.48 -4.70 -10.57
N GLY A 341 -36.50 -4.30 -9.77
CA GLY A 341 -36.18 -2.90 -9.55
C GLY A 341 -35.68 -2.20 -10.81
N ASN A 342 -35.72 -0.88 -10.74
CA ASN A 342 -35.27 -0.03 -11.84
C ASN A 342 -33.86 -0.45 -12.22
N ALA A 343 -33.66 -0.61 -13.52
CA ALA A 343 -32.40 -1.01 -14.12
C ALA A 343 -32.30 -0.38 -15.50
N PHE A 344 -31.08 -0.11 -15.96
CA PHE A 344 -30.92 0.44 -17.30
C PHE A 344 -31.14 -0.63 -18.34
N ASN A 345 -31.65 -0.30 -19.51
CA ASN A 345 -31.85 -1.18 -20.63
C ASN A 345 -31.07 -2.49 -20.66
N ASN A 346 -29.74 -2.40 -20.68
CA ASN A 346 -28.83 -3.53 -20.75
C ASN A 346 -28.77 -4.40 -19.50
N LEU A 347 -29.67 -4.23 -18.53
CA LEU A 347 -29.72 -5.02 -17.33
C LEU A 347 -28.70 -4.54 -16.29
N ASP A 348 -28.35 -3.27 -16.31
CA ASP A 348 -27.48 -2.76 -15.24
C ASP A 348 -28.41 -2.42 -14.06
N ARG A 349 -28.35 -3.24 -13.03
CA ARG A 349 -29.28 -3.15 -11.90
C ARG A 349 -28.96 -1.95 -10.99
N ILE A 350 -29.87 -1.01 -10.79
CA ILE A 350 -29.58 0.16 -9.95
C ILE A 350 -29.60 -0.21 -8.47
N LEU A 351 -28.45 0.01 -7.80
CA LEU A 351 -28.41 -0.40 -6.39
C LEU A 351 -29.24 0.51 -5.52
N ARG A 352 -29.77 -0.06 -4.40
CA ARG A 352 -30.59 0.79 -3.54
C ARG A 352 -30.09 0.69 -2.10
N VAL A 353 -30.19 1.76 -1.33
CA VAL A 353 -29.70 1.73 0.06
C VAL A 353 -30.88 1.81 1.02
N GLY A 354 -31.03 0.81 1.87
CA GLY A 354 -32.11 0.79 2.87
C GLY A 354 -33.49 0.55 2.27
N TYR A 355 -33.55 -0.13 1.11
CA TYR A 355 -34.83 -0.38 0.46
C TYR A 355 -35.66 -1.31 1.32
N ASN A 356 -36.95 -0.99 1.47
CA ASN A 356 -37.75 -1.81 2.38
C ASN A 356 -39.20 -1.97 1.99
N ALA A 357 -39.50 -1.92 0.71
CA ALA A 357 -40.90 -2.12 0.27
C ALA A 357 -41.34 -3.51 0.69
N PRO A 358 -42.48 -3.57 1.39
CA PRO A 358 -43.02 -4.82 1.90
C PRO A 358 -43.30 -5.84 0.80
N GLY A 359 -42.90 -7.09 1.02
CA GLY A 359 -43.14 -8.17 0.07
C GLY A 359 -42.21 -8.31 -1.11
N ILE A 360 -41.39 -7.31 -1.41
CA ILE A 360 -40.48 -7.40 -2.54
C ILE A 360 -39.10 -7.85 -2.07
N PRO A 361 -38.64 -8.95 -2.64
CA PRO A 361 -37.33 -9.50 -2.32
C PRO A 361 -36.23 -8.48 -2.60
N LEU A 362 -35.28 -8.41 -1.68
CA LEU A 362 -34.13 -7.50 -1.83
C LEU A 362 -32.89 -8.38 -1.94
N TYR A 363 -32.21 -8.29 -3.08
CA TYR A 363 -31.05 -9.14 -3.32
C TYR A 363 -29.82 -8.44 -2.75
N LYS A 364 -29.22 -9.07 -1.75
CA LYS A 364 -28.07 -8.33 -1.16
C LYS A 364 -26.87 -9.19 -0.90
N LYS A 365 -26.88 -10.44 -1.34
CA LYS A 365 -25.72 -11.31 -1.12
C LYS A 365 -24.62 -10.89 -2.09
N MET A 366 -23.46 -10.48 -1.55
CA MET A 366 -22.38 -10.11 -2.44
C MET A 366 -21.17 -10.98 -2.17
N GLU A 367 -20.25 -10.98 -3.11
CA GLU A 367 -19.00 -11.71 -2.97
C GLU A 367 -17.86 -10.73 -3.17
N ALA A 368 -16.93 -10.65 -2.23
CA ALA A 368 -15.78 -9.73 -2.32
C ALA A 368 -14.66 -10.48 -3.02
N VAL A 369 -14.23 -9.97 -4.18
CA VAL A 369 -13.29 -10.71 -5.01
C VAL A 369 -12.16 -9.81 -5.54
N LYS A 370 -11.12 -10.46 -6.02
CA LYS A 370 -9.97 -9.79 -6.65
C LYS A 370 -9.77 -10.50 -7.99
N LEU A 371 -10.31 -9.96 -9.06
CA LEU A 371 -10.30 -10.59 -10.37
C LEU A 371 -9.29 -9.99 -11.34
N ARG A 372 -8.76 -8.82 -10.99
CA ARG A 372 -7.84 -8.10 -11.86
C ARG A 372 -6.97 -7.10 -11.10
N ASP A 373 -6.00 -6.57 -11.82
CA ASP A 373 -5.12 -5.53 -11.34
C ASP A 373 -4.49 -5.86 -10.00
N LEU A 374 -3.65 -6.89 -10.01
CA LEU A 374 -2.95 -7.36 -8.83
C LEU A 374 -2.18 -6.29 -8.07
N LYS A 375 -1.48 -5.39 -8.78
CA LYS A 375 -0.68 -4.39 -8.11
C LYS A 375 -1.44 -3.26 -7.42
N THR A 376 -2.73 -3.07 -7.70
CA THR A 376 -3.46 -1.97 -7.09
C THR A 376 -4.26 -2.52 -5.91
N TYR A 377 -4.38 -1.70 -4.88
CA TYR A 377 -5.16 -2.11 -3.70
C TYR A 377 -6.63 -1.83 -3.88
N SER A 378 -7.25 -2.63 -4.75
CA SER A 378 -8.67 -2.43 -5.06
C SER A 378 -9.40 -3.76 -5.01
N VAL A 379 -10.73 -3.71 -5.01
CA VAL A 379 -11.56 -4.90 -4.90
C VAL A 379 -12.72 -4.79 -5.89
N GLN A 380 -13.31 -5.92 -6.22
CA GLN A 380 -14.56 -6.00 -6.94
C GLN A 380 -15.60 -6.61 -5.99
N LEU A 381 -16.87 -6.30 -6.25
CA LEU A 381 -17.97 -6.82 -5.46
C LEU A 381 -18.99 -7.46 -6.41
N LYS A 382 -19.27 -8.73 -6.26
CA LYS A 382 -20.22 -9.41 -7.19
C LYS A 382 -21.56 -9.61 -6.49
N LEU A 383 -22.65 -9.16 -7.12
CA LEU A 383 -23.95 -9.26 -6.52
C LEU A 383 -24.72 -10.45 -7.09
N TYR A 384 -25.43 -11.13 -6.21
CA TYR A 384 -26.20 -12.30 -6.60
C TYR A 384 -27.68 -12.13 -6.27
N ASP A 385 -28.50 -12.89 -7.00
CA ASP A 385 -29.93 -12.88 -6.65
C ASP A 385 -30.07 -13.99 -5.61
N ASP A 386 -31.30 -14.31 -5.22
CA ASP A 386 -31.57 -15.33 -4.22
C ASP A 386 -31.31 -16.73 -4.72
N LYS A 387 -31.20 -16.98 -6.02
CA LYS A 387 -30.89 -18.33 -6.48
C LYS A 387 -29.42 -18.49 -6.83
N ASN A 388 -28.55 -17.62 -6.33
CA ASN A 388 -27.12 -17.65 -6.58
C ASN A 388 -26.75 -17.43 -8.04
N ALA A 389 -27.55 -16.65 -8.76
CA ALA A 389 -27.21 -16.25 -10.12
C ALA A 389 -26.53 -14.88 -10.06
N SER A 390 -25.53 -14.69 -10.92
CA SER A 390 -24.86 -13.39 -10.91
C SER A 390 -25.68 -12.25 -11.45
N LEU A 391 -25.84 -11.20 -10.66
CA LEU A 391 -26.48 -9.96 -11.07
C LEU A 391 -25.43 -8.99 -11.60
N GLY A 392 -24.15 -9.31 -11.36
CA GLY A 392 -23.06 -8.53 -11.91
C GLY A 392 -22.08 -7.94 -10.92
N LEU A 393 -21.04 -7.28 -11.41
CA LEU A 393 -20.10 -6.61 -10.53
C LEU A 393 -20.60 -5.19 -10.29
N VAL A 394 -20.39 -4.71 -9.08
CA VAL A 394 -20.78 -3.33 -8.74
C VAL A 394 -19.94 -2.33 -9.51
N GLY A 395 -20.62 -1.40 -10.17
CA GLY A 395 -19.90 -0.37 -10.94
C GLY A 395 -20.80 0.84 -11.08
N THR A 396 -20.64 1.59 -12.20
CA THR A 396 -21.48 2.75 -12.40
C THR A 396 -21.95 2.76 -13.87
N HIS A 397 -23.09 3.41 -14.03
CA HIS A 397 -23.69 3.61 -15.35
C HIS A 397 -24.12 5.06 -15.47
N ASN A 398 -23.79 5.73 -16.58
CA ASN A 398 -24.16 7.12 -16.73
C ASN A 398 -25.57 7.24 -17.30
N GLY A 399 -26.41 8.07 -16.67
CA GLY A 399 -27.79 8.23 -17.12
C GLY A 399 -28.58 9.07 -16.11
N GLN A 400 -29.90 8.96 -16.21
CA GLN A 400 -30.81 9.73 -15.40
C GLN A 400 -31.88 8.82 -14.78
N ILE A 401 -32.31 9.23 -13.60
CA ILE A 401 -33.42 8.57 -12.92
C ILE A 401 -34.48 9.66 -12.75
N GLY A 402 -35.60 9.50 -13.42
CA GLY A 402 -36.65 10.51 -13.36
C GLY A 402 -36.13 11.83 -13.91
N ASN A 403 -36.41 12.93 -13.24
CA ASN A 403 -35.97 14.26 -13.63
C ASN A 403 -34.69 14.71 -12.96
N ASP A 404 -33.96 13.78 -12.36
CA ASP A 404 -32.71 14.10 -11.70
C ASP A 404 -31.64 14.41 -12.77
N PRO A 405 -30.62 15.13 -12.34
CA PRO A 405 -29.51 15.46 -13.22
C PRO A 405 -28.79 14.20 -13.66
N ASN A 406 -28.07 14.30 -14.77
CA ASN A 406 -27.33 13.16 -15.30
C ASN A 406 -26.31 12.79 -14.23
N ARG A 407 -26.15 11.52 -13.91
CA ARG A 407 -25.24 11.06 -12.89
C ARG A 407 -24.61 9.72 -13.24
N ASP A 408 -23.47 9.43 -12.61
CA ASP A 408 -22.84 8.11 -12.73
C ASP A 408 -23.40 7.35 -11.53
N ILE A 409 -24.40 6.53 -11.80
CA ILE A 409 -25.16 5.85 -10.76
C ILE A 409 -24.65 4.46 -10.49
N LEU A 410 -24.56 4.10 -9.20
CA LEU A 410 -24.06 2.78 -8.86
C LEU A 410 -25.00 1.66 -9.27
N ILE A 411 -24.44 0.67 -9.97
CA ILE A 411 -25.21 -0.45 -10.47
C ILE A 411 -24.47 -1.76 -10.25
N ALA A 412 -25.08 -2.87 -10.65
CA ALA A 412 -24.43 -4.16 -10.72
C ALA A 412 -24.62 -4.61 -12.19
N SER A 413 -23.55 -5.03 -12.82
CA SER A 413 -23.65 -5.39 -14.24
C SER A 413 -22.71 -6.50 -14.62
N ASN A 414 -23.21 -7.47 -15.40
CA ASN A 414 -22.31 -8.55 -15.82
C ASN A 414 -21.45 -8.13 -17.02
N TRP A 415 -21.62 -6.94 -17.56
CA TRP A 415 -20.78 -6.42 -18.64
C TRP A 415 -19.30 -6.46 -18.29
N TYR A 416 -18.95 -6.13 -17.03
CA TYR A 416 -17.56 -6.11 -16.62
C TYR A 416 -16.84 -7.43 -16.78
N PHE A 417 -17.52 -8.56 -16.69
CA PHE A 417 -16.90 -9.87 -16.82
C PHE A 417 -16.23 -10.08 -18.17
N ASN A 418 -16.68 -9.39 -19.21
CA ASN A 418 -16.05 -9.53 -20.53
C ASN A 418 -14.90 -8.57 -20.76
N HIS A 419 -14.57 -7.71 -19.79
CA HIS A 419 -13.56 -6.68 -19.97
C HIS A 419 -12.50 -6.66 -18.88
N LEU A 420 -12.30 -7.79 -18.21
CA LEU A 420 -11.36 -7.87 -17.09
C LEU A 420 -9.91 -7.65 -17.43
N LYS A 421 -9.52 -7.70 -18.71
CA LYS A 421 -8.13 -7.45 -19.06
C LYS A 421 -7.87 -5.99 -19.34
N ASP A 422 -8.88 -5.14 -19.35
CA ASP A 422 -8.70 -3.71 -19.61
C ASP A 422 -7.81 -3.05 -18.56
N LYS A 423 -7.08 -2.03 -18.99
CA LYS A 423 -6.17 -1.31 -18.11
C LYS A 423 -6.91 -0.69 -16.92
N ILE A 424 -8.00 0.01 -17.26
CA ILE A 424 -8.84 0.70 -16.29
C ILE A 424 -10.26 0.15 -16.42
N LEU A 425 -10.94 -0.13 -15.33
CA LEU A 425 -12.30 -0.70 -15.46
C LEU A 425 -13.16 -0.14 -14.33
N GLY A 426 -14.40 0.19 -14.60
CA GLY A 426 -15.32 0.82 -13.69
C GLY A 426 -15.89 0.00 -12.55
N CYS A 427 -15.49 -1.25 -12.43
CA CYS A 427 -15.95 -2.11 -11.34
C CYS A 427 -14.90 -2.22 -10.24
N ASP A 428 -13.83 -1.46 -10.35
CA ASP A 428 -12.74 -1.54 -9.38
C ASP A 428 -12.91 -0.49 -8.31
N TRP A 429 -12.85 -0.88 -7.04
CA TRP A 429 -13.06 0.06 -5.96
C TRP A 429 -11.94 0.03 -4.92
N TYR A 430 -11.64 1.23 -4.45
CA TYR A 430 -10.71 1.38 -3.33
C TYR A 430 -11.57 1.52 -2.06
N PHE A 431 -11.23 0.83 -1.00
CA PHE A 431 -11.87 0.88 0.30
C PHE A 431 -10.95 1.65 1.25
N VAL A 432 -11.34 2.87 1.60
CA VAL A 432 -10.46 3.80 2.30
C VAL A 432 -10.91 4.05 3.74
N PRO A 433 -10.16 3.50 4.68
CA PRO A 433 -10.45 3.71 6.10
C PRO A 433 -9.74 4.97 6.57
N THR A 434 -10.32 5.68 7.54
CA THR A 434 -9.64 6.88 8.05
C THR A 434 -8.34 6.39 8.72
N ASP A 435 -7.26 7.11 8.57
CA ASP A 435 -5.98 6.64 9.14
C ASP A 435 -5.18 7.81 9.66
N GLU A 436 -4.47 7.63 10.77
CA GLU A 436 -3.65 8.73 11.31
C GLU A 436 -2.54 9.12 10.37
N GLY A 437 -2.15 8.31 9.40
CA GLY A 437 -1.14 8.63 8.42
C GLY A 437 -1.63 9.56 7.32
N TRP A 438 -2.92 9.88 7.27
CA TRP A 438 -3.42 10.79 6.26
C TRP A 438 -4.47 11.69 6.88
N THR A 439 -4.10 12.95 7.08
CA THR A 439 -5.04 13.96 7.57
C THR A 439 -5.07 15.03 6.48
N ASN A 440 -6.25 15.47 6.08
CA ASN A 440 -6.34 16.47 5.02
C ASN A 440 -5.84 17.81 5.60
N ASP A 441 -5.01 18.52 4.89
CA ASP A 441 -4.54 19.82 5.37
C ASP A 441 -5.64 20.86 5.44
#